data_8U0L
#
_entry.id   8U0L
#
_cell.length_a   96.601
_cell.length_b   101.109
_cell.length_c   64.966
_cell.angle_alpha   90.000
_cell.angle_beta   90.000
_cell.angle_gamma   90.000
#
_symmetry.space_group_name_H-M   'P 21 21 2'
#
loop_
_entity.id
_entity.type
_entity.pdbx_description
1 polymer 'Isopentenyl phosphate kinase'
2 non-polymer "ADENOSINE-5'-DIPHOSPHATE"
3 non-polymer '(2E)-but-2-en-1-yl dihydrogen phosphate'
4 water water
#
_entity_poly.entity_id   1
_entity_poly.type   'polypeptide(L)'
_entity_poly.pdbx_seq_one_letter_code
;MGSSHHHHHHSSGLVPAGSHMIIIKLGGSVISDKEKEYSFHRHIVEQIAEEIAQFYPDESFILVHGGGSFGHPNAREYKI
TEGLVGDVDRKRIGFSKTHQAMLKLNDLIIQTFLEKGLPAYSVSSSSIFLLENKEVVYGELEILRKLLELKFIPVLFGDT
AIALDKGIDILSGDQIVSYLAKMLKPSKVIFLMDVDGIYDRNPKERDAKLIEELNVEEIRHLLESSESAGIDVTGGIGNK
LREALKIAKHSEVYFINGKVKENLGKAIRGEKVGTRLRKLEHPKIS
;
_entity_poly.pdbx_strand_id   A,B
#
loop_
_chem_comp.id
_chem_comp.type
_chem_comp.name
_chem_comp.formula
ADP non-polymer ADENOSINE-5'-DIPHOSPHATE 'C10 H15 N5 O10 P2'
U4R non-polymer '(2E)-but-2-en-1-yl dihydrogen phosphate' 'C4 H9 O4 P'
#
# COMPACT_ATOMS: atom_id res chain seq x y z
N HIS A 20 19.89 14.78 7.01
CA HIS A 20 20.49 13.99 5.95
C HIS A 20 19.44 13.14 5.25
N MET A 21 18.34 13.77 4.84
CA MET A 21 17.27 13.12 4.10
C MET A 21 16.55 14.17 3.27
N ILE A 22 16.18 13.80 2.04
CA ILE A 22 15.58 14.72 1.09
C ILE A 22 14.25 14.14 0.62
N ILE A 23 13.21 14.96 0.63
CA ILE A 23 11.88 14.55 0.19
C ILE A 23 11.58 15.24 -1.13
N ILE A 24 11.40 14.47 -2.19
CA ILE A 24 11.15 14.99 -3.53
C ILE A 24 9.71 14.69 -3.90
N LYS A 25 8.93 15.75 -4.09
CA LYS A 25 7.55 15.64 -4.55
C LYS A 25 7.49 15.91 -6.04
N LEU A 26 6.81 15.02 -6.76
CA LEU A 26 6.64 15.11 -8.20
C LEU A 26 5.21 15.53 -8.49
N GLY A 27 5.04 16.70 -9.13
CA GLY A 27 3.71 17.18 -9.42
C GLY A 27 2.95 16.24 -10.35
N GLY A 28 1.63 16.27 -10.24
CA GLY A 28 0.81 15.44 -11.10
C GLY A 28 0.77 15.89 -12.54
N SER A 29 1.06 17.17 -12.79
CA SER A 29 1.01 17.72 -14.14
C SER A 29 2.35 17.72 -14.85
N VAL A 30 3.44 17.39 -14.17
CA VAL A 30 4.75 17.32 -14.82
C VAL A 30 5.06 15.91 -15.29
N ILE A 31 4.81 14.90 -14.46
CA ILE A 31 5.05 13.52 -14.85
C ILE A 31 3.92 12.93 -15.69
N SER A 32 2.82 13.67 -15.84
CA SER A 32 1.68 13.22 -16.63
C SER A 32 1.07 14.41 -17.35
N ASP A 33 0.18 14.13 -18.29
CA ASP A 33 -0.51 15.15 -19.08
C ASP A 33 0.48 16.09 -19.77
N TYR A 38 -4.05 11.95 -20.34
CA TYR A 38 -3.63 10.60 -20.00
C TYR A 38 -2.24 10.30 -20.55
N SER A 39 -1.37 11.32 -20.53
CA SER A 39 -0.02 11.16 -21.05
C SER A 39 0.83 10.31 -20.10
N PHE A 40 2.00 9.91 -20.59
CA PHE A 40 2.89 9.03 -19.86
C PHE A 40 4.13 9.76 -19.35
N HIS A 41 4.87 10.42 -20.24
CA HIS A 41 6.05 11.21 -19.89
C HIS A 41 7.11 10.36 -19.18
N ARG A 42 7.45 9.22 -19.78
CA ARG A 42 8.46 8.35 -19.21
C ARG A 42 9.86 8.97 -19.31
N HIS A 43 10.07 9.87 -20.27
CA HIS A 43 11.39 10.46 -20.48
C HIS A 43 11.81 11.29 -19.27
N ILE A 44 10.92 12.14 -18.76
CA ILE A 44 11.28 12.96 -17.61
C ILE A 44 11.38 12.12 -16.34
N VAL A 45 10.65 11.00 -16.28
CA VAL A 45 10.80 10.10 -15.14
C VAL A 45 12.19 9.47 -15.17
N GLU A 46 12.66 9.05 -16.35
CA GLU A 46 14.04 8.58 -16.48
C GLU A 46 15.02 9.67 -16.10
N GLN A 47 14.73 10.92 -16.49
CA GLN A 47 15.63 12.02 -16.16
C GLN A 47 15.75 12.19 -14.65
N ILE A 48 14.61 12.19 -13.95
CA ILE A 48 14.63 12.28 -12.49
C ILE A 48 15.35 11.08 -11.89
N ALA A 49 15.19 9.90 -12.50
CA ALA A 49 15.86 8.71 -12.00
C ALA A 49 17.37 8.86 -12.07
N GLU A 50 17.89 9.31 -13.21
CA GLU A 50 19.34 9.51 -13.32
C GLU A 50 19.81 10.61 -12.38
N GLU A 51 19.05 11.71 -12.29
CA GLU A 51 19.42 12.79 -11.37
C GLU A 51 19.55 12.27 -9.95
N ILE A 52 18.63 11.41 -9.52
CA ILE A 52 18.69 10.85 -8.17
C ILE A 52 19.86 9.87 -8.06
N ALA A 53 20.08 9.07 -9.10
CA ALA A 53 21.20 8.14 -9.11
C ALA A 53 22.54 8.85 -9.00
N GLN A 54 22.60 10.13 -9.35
CA GLN A 54 23.82 10.91 -9.11
C GLN A 54 24.14 11.07 -7.63
N PHE A 55 23.16 10.87 -6.75
CA PHE A 55 23.35 11.09 -5.31
C PHE A 55 23.14 9.85 -4.47
N TYR A 56 22.17 9.01 -4.80
CA TYR A 56 22.06 7.71 -4.16
C TYR A 56 23.33 6.90 -4.44
N PRO A 57 23.79 6.07 -3.48
CA PRO A 57 23.23 5.72 -2.17
C PRO A 57 23.64 6.63 -1.00
N ASP A 58 24.59 7.54 -1.20
CA ASP A 58 25.07 8.35 -0.09
C ASP A 58 24.02 9.31 0.45
N GLU A 59 22.79 9.28 -0.05
CA GLU A 59 21.73 10.15 0.43
C GLU A 59 20.42 9.39 0.39
N SER A 60 19.50 9.77 1.27
CA SER A 60 18.20 9.12 1.39
C SER A 60 17.12 9.98 0.74
N PHE A 61 16.20 9.32 0.03
CA PHE A 61 15.18 10.01 -0.74
C PHE A 61 13.83 9.34 -0.56
N ILE A 62 12.84 10.13 -0.17
CA ILE A 62 11.43 9.75 -0.25
C ILE A 62 10.82 10.48 -1.44
N LEU A 63 10.08 9.77 -2.28
CA LEU A 63 9.45 10.38 -3.45
C LEU A 63 7.94 10.22 -3.33
N VAL A 64 7.23 11.34 -3.26
CA VAL A 64 5.77 11.35 -3.29
C VAL A 64 5.36 11.92 -4.63
N HIS A 65 4.84 11.07 -5.52
CA HIS A 65 4.43 11.53 -6.83
C HIS A 65 2.95 11.90 -6.83
N GLY A 66 2.62 12.90 -7.64
CA GLY A 66 1.29 13.46 -7.65
C GLY A 66 0.25 12.51 -8.22
N GLY A 67 -0.99 13.02 -8.28
CA GLY A 67 -2.09 12.20 -8.76
C GLY A 67 -1.99 11.87 -10.23
N GLY A 68 -1.52 12.82 -11.03
CA GLY A 68 -1.42 12.60 -12.46
C GLY A 68 -2.79 12.45 -13.12
N SER A 69 -2.76 11.95 -14.35
CA SER A 69 -3.96 11.74 -15.13
C SER A 69 -4.57 10.35 -14.90
N PHE A 70 -4.24 9.71 -13.78
CA PHE A 70 -4.72 8.37 -13.48
C PHE A 70 -5.78 8.33 -12.40
N GLY A 71 -5.52 8.95 -11.25
CA GLY A 71 -6.47 8.97 -10.17
C GLY A 71 -7.36 10.20 -10.16
N HIS A 72 -6.92 11.25 -10.85
CA HIS A 72 -7.74 12.46 -10.92
C HIS A 72 -9.02 12.25 -11.70
N PRO A 73 -9.02 11.64 -12.90
CA PRO A 73 -10.30 11.43 -13.60
C PRO A 73 -11.27 10.56 -12.83
N ASN A 74 -10.78 9.51 -12.17
CA ASN A 74 -11.66 8.65 -11.38
C ASN A 74 -12.21 9.41 -10.18
N ALA A 75 -11.38 10.22 -9.52
CA ALA A 75 -11.84 10.99 -8.37
C ALA A 75 -12.90 12.01 -8.78
N ARG A 76 -12.73 12.62 -9.97
CA ARG A 76 -13.74 13.57 -10.44
C ARG A 76 -15.02 12.86 -10.85
N GLU A 77 -14.91 11.71 -11.53
CA GLU A 77 -16.10 11.02 -12.02
C GLU A 77 -16.92 10.44 -10.87
N TYR A 78 -16.26 9.89 -9.86
CA TYR A 78 -16.97 9.30 -8.73
C TYR A 78 -17.17 10.28 -7.58
N LYS A 79 -16.59 11.49 -7.66
CA LYS A 79 -16.75 12.53 -6.65
C LYS A 79 -16.36 12.02 -5.27
N ILE A 80 -15.07 11.71 -5.13
CA ILE A 80 -14.58 11.12 -3.88
C ILE A 80 -14.51 12.19 -2.79
N THR A 81 -14.09 13.40 -3.14
CA THR A 81 -13.89 14.46 -2.16
C THR A 81 -15.18 14.90 -1.47
N GLU A 82 -16.35 14.52 -2.00
CA GLU A 82 -17.60 14.88 -1.34
C GLU A 82 -17.83 14.04 -0.09
N GLY A 83 -17.27 12.84 -0.03
CA GLY A 83 -17.40 11.98 1.13
C GLY A 83 -18.39 10.85 0.90
N LEU A 84 -18.69 10.16 2.00
CA LEU A 84 -19.65 9.05 1.98
C LEU A 84 -21.06 9.61 2.17
N VAL A 85 -21.61 10.12 1.06
CA VAL A 85 -22.93 10.74 1.05
C VAL A 85 -23.66 10.33 -0.21
N GLY A 86 -24.98 10.19 -0.09
CA GLY A 86 -25.80 9.79 -1.22
C GLY A 86 -25.59 8.36 -1.63
N ASP A 87 -25.03 8.15 -2.82
CA ASP A 87 -24.74 6.80 -3.33
C ASP A 87 -23.42 6.34 -2.72
N VAL A 88 -23.52 5.79 -1.50
CA VAL A 88 -22.32 5.38 -0.77
C VAL A 88 -21.71 4.13 -1.39
N ASP A 89 -22.53 3.26 -1.98
CA ASP A 89 -22.01 2.04 -2.59
C ASP A 89 -21.17 2.36 -3.82
N ARG A 90 -21.73 3.16 -4.74
CA ARG A 90 -20.96 3.60 -5.91
C ARG A 90 -19.72 4.39 -5.49
N LYS A 91 -19.81 5.14 -4.40
CA LYS A 91 -18.65 5.90 -3.94
C LYS A 91 -17.56 4.97 -3.42
N ARG A 92 -17.94 3.88 -2.75
CA ARG A 92 -16.95 2.89 -2.33
C ARG A 92 -16.30 2.21 -3.53
N ILE A 93 -17.12 1.87 -4.53
CA ILE A 93 -16.59 1.27 -5.76
C ILE A 93 -15.58 2.20 -6.42
N GLY A 94 -15.93 3.49 -6.51
CA GLY A 94 -15.03 4.46 -7.11
C GLY A 94 -13.78 4.70 -6.28
N PHE A 95 -13.92 4.67 -4.95
CA PHE A 95 -12.78 4.68 -4.04
C PHE A 95 -11.77 3.60 -4.43
N SER A 96 -12.25 2.36 -4.50
CA SER A 96 -11.37 1.24 -4.83
C SER A 96 -10.78 1.38 -6.23
N LYS A 97 -11.59 1.82 -7.19
CA LYS A 97 -11.11 1.96 -8.57
C LYS A 97 -10.02 3.04 -8.68
N THR A 98 -10.21 4.16 -7.98
CA THR A 98 -9.20 5.21 -7.98
C THR A 98 -7.92 4.73 -7.32
N HIS A 99 -8.03 3.98 -6.23
CA HIS A 99 -6.83 3.43 -5.61
C HIS A 99 -6.10 2.49 -6.56
N GLN A 100 -6.86 1.69 -7.32
CA GLN A 100 -6.21 0.77 -8.27
C GLN A 100 -5.53 1.53 -9.40
N ALA A 101 -6.15 2.61 -9.88
CA ALA A 101 -5.51 3.41 -10.92
C ALA A 101 -4.21 4.05 -10.42
N MET A 102 -4.23 4.56 -9.19
CA MET A 102 -3.02 5.13 -8.62
C MET A 102 -1.95 4.06 -8.43
N LEU A 103 -2.35 2.84 -8.05
CA LEU A 103 -1.41 1.74 -7.96
C LEU A 103 -0.79 1.42 -9.32
N LYS A 104 -1.60 1.50 -10.37
CA LYS A 104 -1.09 1.29 -11.72
C LYS A 104 -0.02 2.32 -12.05
N LEU A 105 -0.33 3.61 -11.86
CA LEU A 105 0.65 4.66 -12.15
C LEU A 105 1.91 4.50 -11.29
N ASN A 106 1.74 4.08 -10.04
CA ASN A 106 2.89 3.81 -9.18
C ASN A 106 3.74 2.69 -9.74
N ASP A 107 3.10 1.67 -10.31
CA ASP A 107 3.86 0.59 -10.94
C ASP A 107 4.69 1.12 -12.11
N LEU A 108 4.09 1.98 -12.94
CA LEU A 108 4.88 2.63 -14.01
C LEU A 108 6.11 3.32 -13.45
N ILE A 109 5.91 4.21 -12.49
CA ILE A 109 7.01 5.03 -11.98
C ILE A 109 8.08 4.14 -11.36
N ILE A 110 7.66 3.11 -10.62
CA ILE A 110 8.62 2.28 -9.90
C ILE A 110 9.39 1.39 -10.86
N GLN A 111 8.73 0.88 -11.90
CA GLN A 111 9.46 0.14 -12.92
C GLN A 111 10.49 1.04 -13.61
N THR A 112 10.10 2.26 -13.95
CA THR A 112 11.05 3.19 -14.56
C THR A 112 12.24 3.44 -13.64
N PHE A 113 11.99 3.58 -12.34
CA PHE A 113 13.09 3.78 -11.40
C PHE A 113 13.94 2.53 -11.23
N LEU A 114 13.34 1.35 -11.40
CA LEU A 114 14.08 0.11 -11.22
C LEU A 114 15.01 -0.16 -12.40
N GLU A 115 14.55 0.08 -13.63
CA GLU A 115 15.42 -0.16 -14.78
C GLU A 115 16.64 0.76 -14.78
N LYS A 116 16.55 1.91 -14.11
CA LYS A 116 17.69 2.82 -13.98
C LYS A 116 18.63 2.40 -12.86
N GLY A 117 18.45 1.22 -12.27
CA GLY A 117 19.32 0.73 -11.22
C GLY A 117 19.03 1.25 -9.83
N LEU A 118 17.88 1.89 -9.63
CA LEU A 118 17.53 2.44 -8.32
C LEU A 118 16.46 1.58 -7.66
N PRO A 119 16.63 1.25 -6.37
CA PRO A 119 15.66 0.38 -5.67
C PRO A 119 14.48 1.13 -5.05
N ALA A 120 13.50 1.45 -5.91
CA ALA A 120 12.27 2.11 -5.47
C ALA A 120 11.26 1.07 -5.02
N TYR A 121 10.60 1.34 -3.89
CA TYR A 121 9.64 0.42 -3.30
C TYR A 121 8.32 1.13 -3.05
N SER A 122 7.22 0.40 -3.28
CA SER A 122 5.89 0.96 -3.19
C SER A 122 5.39 0.94 -1.75
N VAL A 123 4.79 2.06 -1.32
CA VAL A 123 4.10 2.16 -0.04
C VAL A 123 2.73 2.75 -0.32
N SER A 124 1.68 2.00 0.00
CA SER A 124 0.32 2.47 -0.20
C SER A 124 0.02 3.58 0.79
N SER A 125 -0.20 4.80 0.28
CA SER A 125 -0.48 5.94 1.15
C SER A 125 -1.75 5.73 1.95
N SER A 126 -2.76 5.10 1.33
CA SER A 126 -4.02 4.84 2.02
C SER A 126 -3.91 3.74 3.06
N SER A 127 -2.79 3.05 3.14
CA SER A 127 -2.60 1.95 4.08
C SER A 127 -1.94 2.39 5.38
N ILE A 128 -1.52 3.66 5.50
CA ILE A 128 -0.77 4.10 6.66
C ILE A 128 -1.26 5.46 7.16
N PHE A 129 -2.16 6.09 6.40
CA PHE A 129 -2.60 7.44 6.70
C PHE A 129 -4.10 7.48 6.94
N LEU A 130 -4.51 8.38 7.84
CA LEU A 130 -5.91 8.64 8.16
C LEU A 130 -6.13 10.12 8.27
N LEU A 131 -7.13 10.63 7.56
CA LEU A 131 -7.35 12.05 7.31
C LEU A 131 -8.42 12.63 8.23
N GLU A 132 -8.33 13.94 8.42
CA GLU A 132 -9.39 14.75 9.01
C GLU A 132 -9.19 16.18 8.58
N ASN A 133 -10.17 16.74 7.87
CA ASN A 133 -10.09 18.10 7.32
C ASN A 133 -8.90 18.23 6.37
N LYS A 134 -8.86 17.33 5.39
CA LYS A 134 -7.92 17.38 4.26
C LYS A 134 -6.46 17.31 4.68
N GLU A 135 -6.17 16.77 5.87
CA GLU A 135 -4.77 16.62 6.30
C GLU A 135 -4.65 15.40 7.19
N VAL A 136 -3.44 14.85 7.23
CA VAL A 136 -3.18 13.60 7.94
C VAL A 136 -3.23 13.85 9.44
N VAL A 137 -4.12 13.14 10.13
CA VAL A 137 -4.17 13.15 11.59
C VAL A 137 -3.80 11.82 12.20
N TYR A 138 -3.61 10.77 11.39
CA TYR A 138 -3.08 9.51 11.90
C TYR A 138 -2.09 8.95 10.88
N GLY A 139 -0.95 8.49 11.36
CA GLY A 139 0.10 8.02 10.46
C GLY A 139 0.89 6.87 11.03
N GLU A 140 1.53 6.13 10.12
CA GLU A 140 2.41 5.03 10.46
C GLU A 140 3.68 5.16 9.62
N LEU A 141 4.81 5.40 10.29
CA LEU A 141 6.05 5.72 9.61
C LEU A 141 7.19 4.75 9.89
N GLU A 142 6.98 3.74 10.73
CA GLU A 142 8.07 2.82 11.06
C GLU A 142 8.50 2.01 9.83
N ILE A 143 7.54 1.63 8.98
CA ILE A 143 7.90 0.93 7.75
C ILE A 143 8.75 1.83 6.86
N LEU A 144 8.38 3.10 6.76
CA LEU A 144 9.17 4.05 5.98
C LEU A 144 10.57 4.21 6.55
N ARG A 145 10.67 4.27 7.89
CA ARG A 145 11.97 4.38 8.52
C ARG A 145 12.84 3.17 8.18
N LYS A 146 12.30 1.96 8.37
CA LYS A 146 13.07 0.76 8.05
C LYS A 146 13.43 0.69 6.58
N LEU A 147 12.56 1.18 5.70
CA LEU A 147 12.86 1.20 4.27
C LEU A 147 14.03 2.13 3.97
N LEU A 148 14.02 3.33 4.55
CA LEU A 148 15.12 4.26 4.32
C LEU A 148 16.41 3.77 4.98
N GLU A 149 16.31 3.00 6.06
CA GLU A 149 17.50 2.48 6.72
C GLU A 149 18.20 1.44 5.84
N LEU A 150 17.43 0.60 5.16
CA LEU A 150 17.98 -0.46 4.31
C LEU A 150 18.33 0.04 2.91
N LYS A 151 18.56 1.34 2.74
CA LYS A 151 18.98 1.93 1.47
C LYS A 151 17.95 1.70 0.37
N PHE A 152 16.67 1.71 0.73
CA PHE A 152 15.59 1.69 -0.24
C PHE A 152 15.08 3.12 -0.45
N ILE A 153 14.42 3.33 -1.59
CA ILE A 153 13.78 4.60 -1.90
C ILE A 153 12.27 4.38 -1.86
N PRO A 154 11.57 4.87 -0.84
CA PRO A 154 10.12 4.71 -0.82
C PRO A 154 9.44 5.69 -1.76
N VAL A 155 8.40 5.20 -2.45
CA VAL A 155 7.65 5.97 -3.42
C VAL A 155 6.19 5.98 -2.96
N LEU A 156 5.80 7.04 -2.28
CA LEU A 156 4.42 7.30 -1.93
C LEU A 156 3.74 8.11 -3.03
N PHE A 157 2.42 8.28 -2.88
CA PHE A 157 1.65 8.96 -3.91
C PHE A 157 0.38 9.52 -3.29
N GLY A 158 -0.11 10.61 -3.89
CA GLY A 158 -1.46 11.03 -3.59
C GLY A 158 -2.44 9.90 -3.86
N ASP A 159 -3.45 9.80 -3.02
CA ASP A 159 -4.25 8.58 -3.00
C ASP A 159 -5.66 8.90 -2.54
N THR A 160 -6.50 7.88 -2.58
CA THR A 160 -7.71 7.86 -1.77
C THR A 160 -7.34 7.66 -0.31
N ALA A 161 -8.25 8.03 0.59
CA ALA A 161 -7.92 7.92 2.00
C ALA A 161 -9.20 7.82 2.82
N ILE A 162 -9.11 7.10 3.93
CA ILE A 162 -10.23 7.00 4.86
C ILE A 162 -10.21 8.22 5.77
N ALA A 163 -11.23 9.05 5.68
CA ALA A 163 -11.36 10.25 6.48
C ALA A 163 -12.35 10.00 7.61
N LEU A 164 -11.99 10.46 8.82
CA LEU A 164 -12.81 10.21 10.00
C LEU A 164 -14.07 11.05 10.01
N ASP A 165 -14.04 12.21 9.35
CA ASP A 165 -15.19 13.12 9.34
C ASP A 165 -16.15 12.79 8.20
N LYS A 166 -15.64 12.78 6.97
CA LYS A 166 -16.48 12.61 5.78
C LYS A 166 -16.44 11.19 5.23
N GLY A 167 -15.74 10.26 5.88
CA GLY A 167 -15.76 8.88 5.44
C GLY A 167 -14.65 8.56 4.45
N ILE A 168 -14.75 9.08 3.23
CA ILE A 168 -13.74 8.88 2.21
C ILE A 168 -13.33 10.24 1.66
N ASP A 169 -12.04 10.42 1.41
CA ASP A 169 -11.51 11.68 0.94
C ASP A 169 -10.34 11.40 -0.01
N ILE A 170 -9.84 12.48 -0.61
CA ILE A 170 -8.68 12.41 -1.51
C ILE A 170 -7.51 13.07 -0.79
N LEU A 171 -6.52 12.26 -0.43
CA LEU A 171 -5.32 12.76 0.23
C LEU A 171 -4.31 13.17 -0.83
N SER A 172 -4.00 14.46 -0.89
CA SER A 172 -3.06 14.96 -1.87
C SER A 172 -1.63 14.71 -1.42
N GLY A 173 -0.71 14.69 -2.39
CA GLY A 173 0.68 14.46 -2.08
C GLY A 173 1.30 15.58 -1.26
N ASP A 174 0.74 16.79 -1.36
CA ASP A 174 1.27 17.91 -0.59
C ASP A 174 1.07 17.69 0.91
N GLN A 175 -0.11 17.22 1.31
CA GLN A 175 -0.34 16.92 2.72
C GLN A 175 0.52 15.77 3.19
N ILE A 176 0.74 14.77 2.33
CA ILE A 176 1.65 13.68 2.65
C ILE A 176 3.04 14.22 2.95
N VAL A 177 3.53 15.10 2.07
CA VAL A 177 4.87 15.66 2.25
C VAL A 177 4.95 16.51 3.51
N SER A 178 3.88 17.26 3.80
CA SER A 178 3.85 18.07 5.01
C SER A 178 3.93 17.20 6.26
N TYR A 179 3.14 16.12 6.30
CA TYR A 179 3.17 15.22 7.44
C TYR A 179 4.53 14.55 7.58
N LEU A 180 5.11 14.09 6.47
CA LEU A 180 6.42 13.45 6.52
C LEU A 180 7.50 14.44 6.94
N ALA A 181 7.35 15.71 6.58
CA ALA A 181 8.33 16.72 6.97
C ALA A 181 8.25 17.01 8.46
N LYS A 182 7.03 17.19 8.99
CA LYS A 182 6.89 17.41 10.42
C LYS A 182 7.22 16.15 11.23
N MET A 183 7.21 14.98 10.59
CA MET A 183 7.54 13.73 11.27
C MET A 183 9.04 13.46 11.28
N LEU A 184 9.60 13.19 10.10
CA LEU A 184 10.98 12.73 9.98
C LEU A 184 12.00 13.87 9.90
N LYS A 185 11.55 15.10 9.67
CA LYS A 185 12.41 16.27 9.58
C LYS A 185 13.52 16.07 8.55
N PRO A 186 13.20 16.12 7.26
CA PRO A 186 14.24 15.96 6.23
C PRO A 186 15.08 17.21 6.10
N SER A 187 16.20 17.06 5.38
CA SER A 187 17.10 18.20 5.18
C SER A 187 16.49 19.20 4.21
N LYS A 188 15.78 18.74 3.19
CA LYS A 188 15.13 19.64 2.24
C LYS A 188 13.98 18.91 1.56
N VAL A 189 13.02 19.71 1.09
CA VAL A 189 11.85 19.23 0.36
C VAL A 189 11.82 19.95 -0.98
N ILE A 190 11.84 19.20 -2.07
CA ILE A 190 11.94 19.74 -3.41
C ILE A 190 10.68 19.39 -4.18
N PHE A 191 9.97 20.41 -4.66
CA PHE A 191 8.79 20.25 -5.49
C PHE A 191 9.18 20.40 -6.96
N LEU A 192 8.71 19.47 -7.79
CA LEU A 192 8.90 19.53 -9.23
C LEU A 192 7.58 19.92 -9.88
N MET A 193 7.52 21.11 -10.46
CA MET A 193 6.31 21.67 -11.02
C MET A 193 6.50 21.97 -12.51
N ASP A 194 5.43 22.43 -13.15
CA ASP A 194 5.50 22.76 -14.57
C ASP A 194 6.27 24.06 -14.80
N VAL A 195 6.21 24.99 -13.86
CA VAL A 195 6.87 26.27 -14.00
C VAL A 195 8.23 26.19 -13.32
N ASP A 196 9.05 27.24 -13.51
CA ASP A 196 10.36 27.30 -12.90
C ASP A 196 10.31 27.48 -11.39
N GLY A 197 9.14 27.73 -10.83
CA GLY A 197 8.99 27.92 -9.41
C GLY A 197 7.85 28.88 -9.12
N ILE A 198 8.01 29.69 -8.08
CA ILE A 198 6.99 30.65 -7.66
C ILE A 198 7.23 31.97 -8.37
N TYR A 199 6.17 32.53 -8.94
CA TYR A 199 6.24 33.77 -9.71
C TYR A 199 5.50 34.88 -8.99
N ASP A 200 5.42 36.05 -9.65
CA ASP A 200 4.73 37.21 -9.10
C ASP A 200 3.24 36.92 -8.93
N ARG A 201 2.53 36.80 -10.05
CA ARG A 201 1.14 36.35 -10.03
C ARG A 201 1.04 35.04 -10.79
N ASN A 202 -0.09 34.82 -11.46
CA ASN A 202 -0.23 33.66 -12.33
C ASN A 202 0.77 33.78 -13.47
N PRO A 203 1.63 32.79 -13.70
CA PRO A 203 2.58 32.87 -14.82
C PRO A 203 1.92 33.01 -16.18
N LYS A 204 0.60 32.84 -16.27
CA LYS A 204 -0.10 33.12 -17.53
C LYS A 204 0.02 34.59 -17.90
N GLU A 205 0.06 35.48 -16.92
CA GLU A 205 0.26 36.89 -17.20
C GLU A 205 1.70 37.13 -17.64
N ARG A 206 1.86 37.98 -18.66
CA ARG A 206 3.18 38.19 -19.25
C ARG A 206 4.11 39.00 -18.35
N ASP A 207 3.56 39.80 -17.44
CA ASP A 207 4.38 40.61 -16.54
C ASP A 207 4.59 39.88 -15.22
N ALA A 208 5.14 38.67 -15.33
CA ALA A 208 5.43 37.82 -14.18
C ALA A 208 6.92 37.51 -14.14
N LYS A 209 7.47 37.50 -12.93
CA LYS A 209 8.90 37.23 -12.72
C LYS A 209 9.06 36.21 -11.61
N LEU A 210 9.86 35.18 -11.87
CA LEU A 210 10.14 34.15 -10.88
C LEU A 210 10.86 34.73 -9.67
N ILE A 211 10.40 34.38 -8.48
CA ILE A 211 11.06 34.75 -7.24
C ILE A 211 12.16 33.75 -6.94
N GLU A 212 13.34 34.24 -6.58
CA GLU A 212 14.47 33.37 -6.27
C GLU A 212 14.55 33.01 -4.79
N GLU A 213 14.10 33.91 -3.91
CA GLU A 213 14.11 33.67 -2.47
C GLU A 213 12.72 34.01 -1.93
N LEU A 214 12.02 33.00 -1.43
CA LEU A 214 10.69 33.19 -0.89
C LEU A 214 10.73 33.43 0.61
N ASN A 215 9.79 34.22 1.11
CA ASN A 215 9.65 34.49 2.53
C ASN A 215 8.16 34.53 2.88
N VAL A 216 7.88 34.52 4.18
CA VAL A 216 6.49 34.46 4.65
C VAL A 216 5.71 35.69 4.21
N GLU A 217 6.37 36.84 4.08
CA GLU A 217 5.66 38.06 3.74
C GLU A 217 5.07 38.00 2.33
N GLU A 218 5.91 37.72 1.33
CA GLU A 218 5.40 37.64 -0.04
C GLU A 218 4.44 36.48 -0.21
N ILE A 219 4.65 35.38 0.50
CA ILE A 219 3.69 34.29 0.55
C ILE A 219 2.33 34.88 0.93
N ARG A 220 2.21 35.34 2.19
CA ARG A 220 0.94 35.88 2.68
C ARG A 220 0.35 36.90 1.72
N HIS A 221 1.18 37.77 1.15
CA HIS A 221 0.69 38.76 0.20
C HIS A 221 0.15 38.10 -1.07
N LEU A 222 0.66 36.92 -1.41
CA LEU A 222 0.16 36.21 -2.59
C LEU A 222 -1.12 35.43 -2.31
N LEU A 223 -1.27 34.86 -1.11
CA LEU A 223 -2.52 34.14 -0.83
C LEU A 223 -3.72 35.06 -0.64
N GLU A 224 -3.50 36.35 -0.33
CA GLU A 224 -4.64 37.25 -0.15
C GLU A 224 -5.40 37.47 -1.44
N SER A 225 -4.80 37.17 -2.58
CA SER A 225 -5.46 37.32 -3.87
C SER A 225 -6.49 36.23 -4.11
N ILE A 237 -1.64 28.89 -6.14
CA ILE A 237 -1.82 27.47 -5.85
C ILE A 237 -2.54 27.30 -4.51
N GLY A 238 -2.22 28.17 -3.56
CA GLY A 238 -2.88 28.15 -2.26
C GLY A 238 -2.42 27.01 -1.38
N ASN A 239 -2.81 25.79 -1.73
CA ASN A 239 -2.45 24.63 -0.91
C ASN A 239 -0.93 24.45 -0.84
N LYS A 240 -0.25 24.61 -1.98
CA LYS A 240 1.20 24.50 -1.99
C LYS A 240 1.84 25.50 -1.04
N LEU A 241 1.30 26.73 -0.99
CA LEU A 241 1.88 27.76 -0.13
C LEU A 241 1.64 27.45 1.34
N ARG A 242 0.44 26.96 1.70
CA ARG A 242 0.18 26.56 3.07
C ARG A 242 1.12 25.44 3.51
N GLU A 243 1.20 24.38 2.69
CA GLU A 243 2.05 23.25 3.03
C GLU A 243 3.51 23.67 3.10
N ALA A 244 3.93 24.61 2.24
CA ALA A 244 5.32 25.08 2.30
C ALA A 244 5.56 25.90 3.56
N LEU A 245 4.58 26.72 3.97
CA LEU A 245 4.71 27.46 5.21
C LEU A 245 4.84 26.52 6.40
N LYS A 246 4.12 25.41 6.37
CA LYS A 246 4.25 24.44 7.46
C LYS A 246 5.57 23.67 7.39
N ILE A 247 6.02 23.34 6.17
CA ILE A 247 7.21 22.52 6.01
C ILE A 247 8.46 23.32 6.35
N ALA A 248 8.47 24.63 6.03
CA ALA A 248 9.63 25.46 6.29
C ALA A 248 9.97 25.55 7.78
N LYS A 249 9.03 25.19 8.65
CA LYS A 249 9.35 25.09 10.08
C LYS A 249 10.33 23.97 10.37
N HIS A 250 10.42 22.97 9.50
CA HIS A 250 11.28 21.81 9.72
C HIS A 250 12.37 21.64 8.67
N SER A 251 12.14 22.06 7.43
CA SER A 251 13.10 21.82 6.35
C SER A 251 13.16 23.03 5.44
N GLU A 252 14.10 22.99 4.50
CA GLU A 252 14.26 24.03 3.48
C GLU A 252 13.53 23.59 2.21
N VAL A 253 12.73 24.49 1.65
CA VAL A 253 11.85 24.17 0.54
C VAL A 253 12.47 24.67 -0.76
N TYR A 254 12.28 23.90 -1.83
CA TYR A 254 12.68 24.27 -3.18
C TYR A 254 11.49 24.07 -4.10
N PHE A 255 11.29 25.00 -5.02
CA PHE A 255 10.31 24.88 -6.09
C PHE A 255 11.06 25.00 -7.41
N ILE A 256 11.12 23.92 -8.17
CA ILE A 256 11.86 23.90 -9.42
C ILE A 256 11.02 23.24 -10.50
N ASN A 257 11.46 23.41 -11.76
CA ASN A 257 10.81 22.79 -12.91
C ASN A 257 11.37 21.39 -13.10
N GLY A 258 10.51 20.38 -12.98
CA GLY A 258 10.94 19.01 -13.10
C GLY A 258 11.26 18.54 -14.49
N LYS A 259 10.90 19.31 -15.52
CA LYS A 259 11.16 18.92 -16.89
C LYS A 259 12.57 19.29 -17.36
N VAL A 260 13.43 19.74 -16.46
CA VAL A 260 14.82 20.07 -16.77
C VAL A 260 15.73 19.15 -15.97
N LYS A 261 16.81 18.71 -16.59
CA LYS A 261 17.71 17.73 -15.99
C LYS A 261 18.38 18.26 -14.72
N GLU A 262 19.35 19.17 -14.88
CA GLU A 262 20.21 19.58 -13.78
C GLU A 262 19.47 20.34 -12.68
N ASN A 263 18.19 20.66 -12.87
CA ASN A 263 17.45 21.39 -11.84
C ASN A 263 17.36 20.57 -10.55
N LEU A 264 17.04 19.29 -10.67
CA LEU A 264 16.95 18.44 -9.48
C LEU A 264 18.29 18.33 -8.77
N GLY A 265 19.37 18.14 -9.53
CA GLY A 265 20.69 18.04 -8.92
C GLY A 265 21.12 19.34 -8.25
N LYS A 266 20.81 20.48 -8.88
CA LYS A 266 21.11 21.77 -8.27
C LYS A 266 20.30 21.98 -7.01
N ALA A 267 19.08 21.44 -6.96
CA ALA A 267 18.27 21.55 -5.75
C ALA A 267 18.75 20.62 -4.65
N ILE A 268 19.34 19.47 -5.02
CA ILE A 268 19.90 18.57 -4.01
C ILE A 268 21.00 19.26 -3.24
N ARG A 269 21.85 20.01 -3.93
CA ARG A 269 22.85 20.84 -3.28
C ARG A 269 22.25 22.22 -2.96
N GLY A 270 23.06 23.10 -2.39
CA GLY A 270 22.60 24.42 -2.04
C GLY A 270 22.74 25.43 -3.17
N GLU A 271 22.69 24.93 -4.40
CA GLU A 271 22.88 25.80 -5.56
C GLU A 271 21.62 26.63 -5.83
N LYS A 272 21.80 27.68 -6.61
CA LYS A 272 20.74 28.64 -6.90
C LYS A 272 19.92 28.13 -8.09
N VAL A 273 18.65 27.80 -7.85
CA VAL A 273 17.77 27.31 -8.91
C VAL A 273 16.32 27.45 -8.46
N GLY A 274 15.49 28.05 -9.32
CA GLY A 274 14.07 28.16 -9.02
C GLY A 274 13.80 29.03 -7.80
N THR A 275 12.80 28.64 -7.03
CA THR A 275 12.43 29.36 -5.81
C THR A 275 12.96 28.61 -4.59
N ARG A 276 13.60 29.33 -3.68
CA ARG A 276 14.14 28.76 -2.46
C ARG A 276 13.48 29.40 -1.25
N LEU A 277 12.91 28.56 -0.39
CA LEU A 277 12.29 28.99 0.86
C LEU A 277 13.18 28.48 1.98
N ARG A 278 13.94 29.39 2.59
CA ARG A 278 14.89 29.00 3.63
C ARG A 278 14.16 28.48 4.86
N LYS A 279 14.88 27.72 5.68
CA LYS A 279 14.31 27.18 6.91
C LYS A 279 13.92 28.31 7.85
N LEU A 280 12.78 28.15 8.52
CA LEU A 280 12.28 29.19 9.42
C LEU A 280 13.17 29.30 10.64
N GLU A 281 13.37 30.53 11.10
CA GLU A 281 14.21 30.80 12.26
C GLU A 281 13.56 31.81 13.19
N SER B 19 -15.14 -10.13 17.05
CA SER B 19 -16.60 -9.98 17.15
C SER B 19 -17.29 -10.64 15.97
N HIS B 20 -17.99 -9.84 15.17
CA HIS B 20 -18.68 -10.31 13.98
C HIS B 20 -17.85 -10.08 12.73
N MET B 21 -16.61 -10.59 12.75
CA MET B 21 -15.69 -10.43 11.63
C MET B 21 -15.11 -11.79 11.27
N ILE B 22 -14.90 -12.02 9.97
CA ILE B 22 -14.42 -13.29 9.45
C ILE B 22 -13.23 -13.02 8.54
N ILE B 23 -12.17 -13.81 8.72
CA ILE B 23 -10.98 -13.70 7.87
C ILE B 23 -10.98 -14.87 6.89
N ILE B 24 -10.67 -14.59 5.62
CA ILE B 24 -10.68 -15.59 4.57
C ILE B 24 -9.32 -15.59 3.88
N LYS B 25 -8.67 -16.74 3.84
CA LYS B 25 -7.37 -16.92 3.20
C LYS B 25 -7.53 -17.78 1.96
N LEU B 26 -6.81 -17.42 0.90
CA LEU B 26 -6.90 -18.10 -0.40
C LEU B 26 -5.58 -18.80 -0.71
N GLY B 27 -5.68 -19.97 -1.34
CA GLY B 27 -4.51 -20.71 -1.74
C GLY B 27 -3.94 -20.24 -3.06
N GLY B 28 -3.43 -21.17 -3.86
CA GLY B 28 -2.84 -20.82 -5.14
C GLY B 28 -3.53 -21.45 -6.32
N SER B 29 -3.28 -20.94 -7.52
CA SER B 29 -3.89 -21.46 -8.74
C SER B 29 -3.05 -22.59 -9.33
N PHE B 40 -4.31 -17.81 -12.91
CA PHE B 40 -5.38 -17.00 -12.35
C PHE B 40 -6.75 -17.48 -12.84
N HIS B 41 -7.51 -18.10 -11.95
CA HIS B 41 -8.84 -18.62 -12.28
C HIS B 41 -9.86 -17.55 -11.89
N ARG B 42 -10.38 -16.84 -12.88
CA ARG B 42 -11.31 -15.74 -12.61
C ARG B 42 -12.67 -16.26 -12.13
N HIS B 43 -13.10 -17.42 -12.62
CA HIS B 43 -14.42 -17.94 -12.26
C HIS B 43 -14.50 -18.28 -10.77
N ILE B 44 -13.41 -18.81 -10.21
CA ILE B 44 -13.42 -19.14 -8.78
C ILE B 44 -13.47 -17.89 -7.93
N VAL B 45 -12.79 -16.82 -8.36
CA VAL B 45 -12.88 -15.55 -7.66
C VAL B 45 -14.29 -14.99 -7.76
N GLU B 46 -14.93 -15.15 -8.92
CA GLU B 46 -16.33 -14.76 -9.06
C GLU B 46 -17.22 -15.50 -8.07
N GLN B 47 -17.01 -16.81 -7.95
CA GLN B 47 -17.81 -17.61 -7.02
C GLN B 47 -17.57 -17.18 -5.57
N ILE B 48 -16.32 -16.91 -5.22
CA ILE B 48 -16.01 -16.45 -3.86
C ILE B 48 -16.70 -15.12 -3.58
N ALA B 49 -16.67 -14.19 -4.54
CA ALA B 49 -17.31 -12.90 -4.35
C ALA B 49 -18.82 -13.06 -4.23
N GLU B 50 -19.41 -13.93 -5.06
CA GLU B 50 -20.85 -14.14 -5.00
C GLU B 50 -21.28 -14.75 -3.67
N GLU B 51 -20.46 -15.66 -3.14
CA GLU B 51 -20.79 -16.25 -1.84
C GLU B 51 -20.62 -15.23 -0.71
N ILE B 52 -19.59 -14.38 -0.81
CA ILE B 52 -19.39 -13.36 0.22
C ILE B 52 -20.54 -12.35 0.20
N ALA B 53 -21.07 -12.04 -1.00
CA ALA B 53 -22.15 -11.09 -1.12
C ALA B 53 -23.42 -11.51 -0.37
N GLN B 54 -23.50 -12.76 0.07
CA GLN B 54 -24.67 -13.21 0.84
C GLN B 54 -24.70 -12.62 2.24
N PHE B 55 -23.55 -12.23 2.79
CA PHE B 55 -23.48 -11.72 4.14
C PHE B 55 -23.06 -10.26 4.24
N TYR B 56 -22.53 -9.68 3.16
CA TYR B 56 -22.25 -8.26 3.14
C TYR B 56 -23.57 -7.48 3.17
N PRO B 57 -23.64 -6.35 3.91
CA PRO B 57 -22.58 -5.76 4.72
C PRO B 57 -22.68 -6.01 6.23
N ASP B 58 -23.72 -6.72 6.68
CA ASP B 58 -23.83 -6.88 8.14
C ASP B 58 -22.81 -7.87 8.73
N GLU B 59 -21.89 -8.38 7.92
CA GLU B 59 -20.81 -9.24 8.36
C GLU B 59 -19.51 -8.71 7.80
N SER B 60 -18.54 -8.45 8.68
CA SER B 60 -17.26 -7.90 8.25
C SER B 60 -16.34 -9.01 7.74
N PHE B 61 -15.62 -8.72 6.66
CA PHE B 61 -14.76 -9.69 6.01
C PHE B 61 -13.42 -9.08 5.69
N ILE B 62 -12.34 -9.80 6.04
CA ILE B 62 -10.99 -9.47 5.64
C ILE B 62 -10.52 -10.59 4.71
N LEU B 63 -9.94 -10.21 3.57
CA LEU B 63 -9.49 -11.18 2.57
C LEU B 63 -7.97 -11.18 2.53
N VAL B 64 -7.40 -12.37 2.36
CA VAL B 64 -5.95 -12.53 2.22
C VAL B 64 -5.69 -13.58 1.16
N HIS B 65 -4.88 -13.25 0.17
CA HIS B 65 -4.51 -14.21 -0.87
C HIS B 65 -2.99 -14.36 -0.93
N GLY B 66 -2.55 -15.33 -1.73
CA GLY B 66 -1.15 -15.65 -1.85
C GLY B 66 -0.63 -15.42 -3.26
N GLY B 67 0.66 -15.70 -3.43
CA GLY B 67 1.32 -15.53 -4.71
C GLY B 67 1.07 -16.68 -5.67
N GLY B 71 3.69 -13.74 -8.08
CA GLY B 71 4.69 -13.07 -7.27
C GLY B 71 5.75 -14.00 -6.74
N HIS B 72 5.32 -15.16 -6.24
CA HIS B 72 6.25 -16.16 -5.74
C HIS B 72 7.33 -16.56 -6.78
N PRO B 73 7.05 -16.66 -8.08
CA PRO B 73 8.16 -16.94 -9.04
C PRO B 73 9.33 -15.99 -8.88
N ASN B 74 9.06 -14.68 -8.76
CA ASN B 74 10.13 -13.72 -8.48
C ASN B 74 10.72 -13.92 -7.09
N ALA B 75 9.93 -14.46 -6.15
CA ALA B 75 10.46 -14.70 -4.81
C ALA B 75 11.52 -15.79 -4.82
N ARG B 76 11.28 -16.88 -5.55
CA ARG B 76 12.30 -17.92 -5.69
C ARG B 76 13.44 -17.49 -6.60
N GLU B 77 13.14 -16.72 -7.65
CA GLU B 77 14.17 -16.39 -8.61
C GLU B 77 15.18 -15.43 -8.02
N TYR B 78 14.77 -14.59 -7.07
CA TYR B 78 15.66 -13.63 -6.44
C TYR B 78 16.12 -14.06 -5.05
N LYS B 79 15.81 -15.30 -4.65
CA LYS B 79 16.02 -15.82 -3.30
C LYS B 79 15.86 -14.74 -2.23
N ILE B 80 14.64 -14.22 -2.09
CA ILE B 80 14.39 -13.17 -1.11
C ILE B 80 14.49 -13.71 0.31
N THR B 81 14.08 -14.96 0.52
CA THR B 81 14.20 -15.58 1.85
C THR B 81 15.66 -15.71 2.28
N GLU B 82 16.61 -15.65 1.35
CA GLU B 82 18.02 -15.68 1.71
C GLU B 82 18.41 -14.47 2.55
N GLY B 83 17.74 -13.35 2.36
CA GLY B 83 18.02 -12.15 3.10
C GLY B 83 18.80 -11.12 2.29
N LEU B 84 19.35 -10.15 3.00
CA LEU B 84 20.14 -9.09 2.39
C LEU B 84 21.63 -9.44 2.49
N VAL B 85 22.00 -10.51 1.80
CA VAL B 85 23.37 -11.01 1.79
C VAL B 85 23.80 -11.24 0.35
N GLY B 86 25.12 -11.28 0.16
CA GLY B 86 25.67 -11.44 -1.17
C GLY B 86 25.48 -10.20 -2.03
N ASP B 87 24.81 -10.34 -3.16
CA ASP B 87 24.49 -9.22 -4.04
C ASP B 87 23.31 -8.48 -3.43
N VAL B 88 23.57 -7.33 -2.81
CA VAL B 88 22.51 -6.61 -2.09
C VAL B 88 21.65 -5.81 -3.05
N ASP B 89 22.26 -5.17 -4.05
CA ASP B 89 21.49 -4.34 -4.97
C ASP B 89 20.54 -5.18 -5.82
N ARG B 90 21.02 -6.32 -6.32
CA ARG B 90 20.14 -7.22 -7.06
C ARG B 90 18.99 -7.71 -6.20
N LYS B 91 19.27 -8.00 -4.92
CA LYS B 91 18.21 -8.45 -4.03
C LYS B 91 17.18 -7.35 -3.78
N ARG B 92 17.62 -6.10 -3.68
CA ARG B 92 16.68 -4.98 -3.51
C ARG B 92 15.81 -4.82 -4.76
N ILE B 93 16.42 -4.89 -5.94
CA ILE B 93 15.66 -4.77 -7.18
C ILE B 93 14.64 -5.89 -7.28
N GLY B 94 15.03 -7.12 -6.94
CA GLY B 94 14.11 -8.23 -6.98
C GLY B 94 12.99 -8.11 -5.95
N PHE B 95 13.33 -7.60 -4.77
CA PHE B 95 12.33 -7.25 -3.77
C PHE B 95 11.24 -6.37 -4.36
N SER B 96 11.66 -5.27 -4.99
CA SER B 96 10.69 -4.34 -5.56
C SER B 96 9.88 -4.99 -6.69
N LYS B 97 10.55 -5.75 -7.55
CA LYS B 97 9.85 -6.38 -8.68
C LYS B 97 8.82 -7.40 -8.21
N THR B 98 9.17 -8.19 -7.19
CA THR B 98 8.23 -9.14 -6.63
C THR B 98 7.04 -8.43 -6.01
N HIS B 99 7.29 -7.32 -5.32
CA HIS B 99 6.17 -6.54 -4.77
C HIS B 99 5.25 -6.05 -5.89
N GLN B 100 5.84 -5.60 -7.00
CA GLN B 100 5.01 -5.12 -8.11
C GLN B 100 4.18 -6.24 -8.74
N ALA B 101 4.76 -7.43 -8.88
CA ALA B 101 4.00 -8.55 -9.42
C ALA B 101 2.86 -8.95 -8.49
N MET B 102 3.13 -8.98 -7.19
CA MET B 102 2.06 -9.22 -6.22
C MET B 102 0.97 -8.17 -6.34
N LEU B 103 1.36 -6.91 -6.58
CA LEU B 103 0.37 -5.85 -6.74
C LEU B 103 -0.48 -6.08 -7.98
N LYS B 104 0.12 -6.59 -9.07
CA LYS B 104 -0.67 -6.89 -10.27
C LYS B 104 -1.70 -7.99 -9.99
N LEU B 105 -1.27 -9.08 -9.35
CA LEU B 105 -2.23 -10.15 -9.04
C LEU B 105 -3.33 -9.64 -8.11
N ASN B 106 -2.95 -8.84 -7.11
CA ASN B 106 -3.93 -8.28 -6.19
C ASN B 106 -4.90 -7.35 -6.90
N ASP B 107 -4.42 -6.62 -7.91
CA ASP B 107 -5.31 -5.74 -8.67
C ASP B 107 -6.29 -6.55 -9.50
N LEU B 108 -5.84 -7.67 -10.07
CA LEU B 108 -6.77 -8.54 -10.78
C LEU B 108 -7.88 -9.03 -9.87
N ILE B 109 -7.50 -9.52 -8.68
CA ILE B 109 -8.51 -9.99 -7.72
C ILE B 109 -9.42 -8.85 -7.29
N ILE B 110 -8.86 -7.65 -7.10
CA ILE B 110 -9.64 -6.51 -6.65
C ILE B 110 -10.67 -6.12 -7.71
N GLN B 111 -10.27 -6.11 -8.97
CA GLN B 111 -11.21 -5.77 -10.04
C GLN B 111 -12.30 -6.83 -10.17
N THR B 112 -11.93 -8.10 -10.02
CA THR B 112 -12.95 -9.15 -10.03
C THR B 112 -13.96 -8.94 -8.91
N PHE B 113 -13.49 -8.57 -7.71
CA PHE B 113 -14.40 -8.30 -6.61
C PHE B 113 -15.24 -7.05 -6.85
N LEU B 114 -14.66 -6.05 -7.52
CA LEU B 114 -15.37 -4.80 -7.75
C LEU B 114 -16.49 -4.97 -8.78
N GLU B 115 -16.27 -5.80 -9.80
CA GLU B 115 -17.31 -6.02 -10.79
C GLU B 115 -18.54 -6.67 -10.17
N LYS B 116 -18.36 -7.53 -9.17
CA LYS B 116 -19.46 -8.18 -8.49
C LYS B 116 -20.16 -7.27 -7.47
N GLY B 117 -19.85 -5.97 -7.48
CA GLY B 117 -20.51 -5.05 -6.57
C GLY B 117 -20.01 -5.07 -5.15
N LEU B 118 -18.81 -5.58 -4.91
CA LEU B 118 -18.24 -5.62 -3.57
C LEU B 118 -17.10 -4.62 -3.46
N PRO B 119 -17.11 -3.76 -2.45
CA PRO B 119 -16.07 -2.71 -2.31
C PRO B 119 -14.81 -3.23 -1.66
N ALA B 120 -14.10 -4.10 -2.38
CA ALA B 120 -12.82 -4.61 -1.90
C ALA B 120 -11.74 -3.55 -2.12
N TYR B 121 -10.93 -3.32 -1.08
CA TYR B 121 -9.89 -2.30 -1.10
C TYR B 121 -8.55 -2.95 -0.82
N SER B 122 -7.56 -2.67 -1.67
CA SER B 122 -6.25 -3.29 -1.55
C SER B 122 -5.45 -2.62 -0.44
N VAL B 123 -4.88 -3.43 0.45
CA VAL B 123 -4.02 -2.96 1.52
C VAL B 123 -2.65 -3.62 1.35
N SER B 124 -1.61 -2.81 1.17
CA SER B 124 -0.27 -3.32 0.98
C SER B 124 0.23 -3.96 2.27
N SER B 125 0.50 -5.26 2.22
CA SER B 125 0.95 -5.97 3.42
C SER B 125 2.32 -5.47 3.87
N SER B 126 3.24 -5.23 2.92
CA SER B 126 4.58 -4.78 3.25
C SER B 126 4.61 -3.35 3.77
N SER B 127 3.49 -2.61 3.70
CA SER B 127 3.45 -1.24 4.16
C SER B 127 3.05 -1.11 5.62
N ILE B 128 2.66 -2.21 6.27
CA ILE B 128 2.14 -2.12 7.63
C ILE B 128 2.76 -3.19 8.53
N PHE B 129 3.56 -4.09 7.94
CA PHE B 129 4.06 -5.25 8.66
C PHE B 129 5.58 -5.29 8.65
N LEU B 130 6.15 -5.72 9.77
CA LEU B 130 7.59 -5.90 9.94
C LEU B 130 7.83 -7.23 10.62
N LEU B 131 8.74 -8.03 10.05
CA LEU B 131 8.96 -9.40 10.48
C LEU B 131 10.27 -9.57 11.22
N GLU B 132 10.35 -10.67 11.96
CA GLU B 132 11.61 -11.20 12.49
C GLU B 132 11.41 -12.70 12.64
N ASN B 133 12.26 -13.48 11.98
CA ASN B 133 12.18 -14.95 11.99
C ASN B 133 10.82 -15.41 11.47
N LYS B 134 10.53 -15.01 10.24
CA LYS B 134 9.33 -15.42 9.50
C LYS B 134 8.04 -15.14 10.26
N GLU B 135 8.05 -14.18 11.19
CA GLU B 135 6.88 -13.90 12.02
C GLU B 135 6.67 -12.40 12.11
N VAL B 136 5.42 -11.97 12.01
CA VAL B 136 5.09 -10.55 12.11
C VAL B 136 5.32 -10.11 13.55
N VAL B 137 6.32 -9.26 13.76
CA VAL B 137 6.60 -8.70 15.07
C VAL B 137 6.22 -7.23 15.18
N TYR B 138 5.79 -6.61 14.08
CA TYR B 138 5.33 -5.23 14.13
C TYR B 138 4.21 -5.06 13.12
N GLY B 139 3.13 -4.39 13.52
CA GLY B 139 1.97 -4.26 12.68
C GLY B 139 1.28 -2.92 12.85
N GLU B 140 0.51 -2.56 11.83
CA GLU B 140 -0.32 -1.36 11.83
C GLU B 140 -1.73 -1.77 11.42
N LEU B 141 -2.69 -1.58 12.33
CA LEU B 141 -4.03 -2.15 12.14
C LEU B 141 -5.16 -1.15 12.28
N GLU B 142 -4.87 0.12 12.59
CA GLU B 142 -5.96 1.10 12.68
C GLU B 142 -6.58 1.38 11.32
N ILE B 143 -5.77 1.30 10.26
CA ILE B 143 -6.30 1.50 8.91
C ILE B 143 -7.26 0.38 8.55
N LEU B 144 -6.88 -0.87 8.83
CA LEU B 144 -7.78 -1.99 8.57
C LEU B 144 -9.04 -1.88 9.40
N ARG B 145 -8.93 -1.40 10.64
CA ARG B 145 -10.10 -1.22 11.49
C ARG B 145 -11.05 -0.17 10.90
N LYS B 146 -10.49 0.97 10.45
CA LYS B 146 -11.33 2.00 9.86
C LYS B 146 -11.93 1.55 8.54
N LEU B 147 -11.22 0.70 7.79
CA LEU B 147 -11.79 0.12 6.58
C LEU B 147 -12.98 -0.78 6.90
N LEU B 148 -12.81 -1.64 7.90
CA LEU B 148 -13.90 -2.54 8.29
C LEU B 148 -15.09 -1.76 8.85
N GLU B 149 -14.83 -0.69 9.59
CA GLU B 149 -15.92 0.10 10.17
C GLU B 149 -16.77 0.76 9.09
N LEU B 150 -16.13 1.25 8.03
CA LEU B 150 -16.83 1.92 6.93
C LEU B 150 -17.35 0.95 5.89
N LYS B 151 -17.60 -0.31 6.27
CA LYS B 151 -18.21 -1.32 5.39
C LYS B 151 -17.37 -1.57 4.14
N PHE B 152 -16.05 -1.55 4.31
CA PHE B 152 -15.14 -1.95 3.25
C PHE B 152 -14.62 -3.37 3.51
N ILE B 153 -14.04 -3.96 2.48
CA ILE B 153 -13.46 -5.30 2.56
C ILE B 153 -11.98 -5.19 2.21
N PRO B 154 -11.11 -5.11 3.21
CA PRO B 154 -9.67 -5.06 2.93
C PRO B 154 -9.17 -6.38 2.35
N VAL B 155 -8.23 -6.28 1.42
CA VAL B 155 -7.67 -7.43 0.73
C VAL B 155 -6.16 -7.33 0.80
N LEU B 156 -5.53 -8.21 1.56
CA LEU B 156 -4.09 -8.29 1.71
C LEU B 156 -3.54 -9.50 0.97
N PHE B 157 -2.22 -9.53 0.83
CA PHE B 157 -1.55 -10.56 0.03
C PHE B 157 -0.27 -10.99 0.71
N GLY B 158 0.07 -12.27 0.53
CA GLY B 158 1.41 -12.72 0.84
C GLY B 158 2.38 -11.93 -0.01
N ASP B 159 3.38 -11.33 0.63
CA ASP B 159 4.15 -10.29 -0.03
C ASP B 159 5.59 -10.34 0.45
N THR B 160 6.46 -9.64 -0.28
CA THR B 160 7.76 -9.30 0.25
C THR B 160 7.59 -8.44 1.51
N ALA B 161 8.61 -8.44 2.37
CA ALA B 161 8.51 -7.65 3.59
C ALA B 161 9.89 -7.38 4.14
N ILE B 162 9.99 -6.32 4.93
CA ILE B 162 11.22 -5.97 5.61
C ILE B 162 11.30 -6.78 6.91
N ALA B 163 12.45 -7.41 7.13
CA ALA B 163 12.69 -8.24 8.29
C ALA B 163 13.84 -7.66 9.10
N LEU B 164 13.62 -7.48 10.40
CA LEU B 164 14.63 -6.87 11.27
C LEU B 164 15.88 -7.73 11.40
N ASP B 165 15.81 -9.02 11.09
CA ASP B 165 16.95 -9.90 11.25
C ASP B 165 17.82 -9.95 9.99
N LYS B 166 17.24 -10.36 8.86
CA LYS B 166 17.97 -10.54 7.62
C LYS B 166 17.57 -9.53 6.54
N GLY B 167 17.20 -8.31 6.95
CA GLY B 167 16.94 -7.26 5.99
C GLY B 167 15.64 -7.43 5.21
N ILE B 168 15.59 -8.38 4.29
CA ILE B 168 14.40 -8.64 3.51
C ILE B 168 13.97 -10.09 3.72
N ASP B 169 12.68 -10.34 3.49
CA ASP B 169 12.12 -11.67 3.68
C ASP B 169 10.82 -11.78 2.91
N ILE B 170 10.29 -13.00 2.87
CA ILE B 170 9.01 -13.30 2.22
C ILE B 170 8.01 -13.59 3.32
N LEU B 171 7.03 -12.70 3.48
CA LEU B 171 5.93 -12.89 4.42
C LEU B 171 4.80 -13.63 3.73
N SER B 172 4.48 -14.83 4.24
CA SER B 172 3.39 -15.62 3.70
C SER B 172 2.05 -15.13 4.23
N GLY B 173 0.98 -15.51 3.53
CA GLY B 173 -0.35 -15.12 3.96
C GLY B 173 -0.75 -15.74 5.28
N ASP B 174 -0.22 -16.92 5.58
CA ASP B 174 -0.55 -17.57 6.85
C ASP B 174 -0.08 -16.75 8.04
N GLN B 175 1.08 -16.11 7.92
CA GLN B 175 1.57 -15.28 9.01
C GLN B 175 0.71 -14.03 9.18
N ILE B 176 0.27 -13.44 8.07
CA ILE B 176 -0.65 -12.31 8.13
C ILE B 176 -1.92 -12.71 8.85
N VAL B 177 -2.47 -13.87 8.49
CA VAL B 177 -3.69 -14.35 9.13
C VAL B 177 -3.46 -14.59 10.62
N SER B 178 -2.31 -15.15 10.98
CA SER B 178 -1.99 -15.40 12.38
C SER B 178 -1.92 -14.11 13.18
N TYR B 179 -1.26 -13.08 12.62
CA TYR B 179 -1.17 -11.80 13.32
C TYR B 179 -2.53 -11.15 13.47
N LEU B 180 -3.32 -11.14 12.38
CA LEU B 180 -4.65 -10.55 12.45
C LEU B 180 -5.54 -11.29 13.44
N ALA B 181 -5.35 -12.60 13.58
CA ALA B 181 -6.12 -13.34 14.58
C ALA B 181 -5.66 -13.03 15.98
N LYS B 182 -4.35 -12.86 16.17
CA LYS B 182 -3.83 -12.43 17.47
C LYS B 182 -4.46 -11.11 17.89
N MET B 183 -4.51 -10.14 16.96
CA MET B 183 -4.89 -8.78 17.33
C MET B 183 -6.39 -8.53 17.18
N LEU B 184 -6.93 -8.71 15.97
CA LEU B 184 -8.32 -8.35 15.71
C LEU B 184 -9.31 -9.35 16.28
N LYS B 185 -8.89 -10.59 16.52
CA LYS B 185 -9.74 -11.64 17.09
C LYS B 185 -11.02 -11.81 16.29
N PRO B 186 -10.96 -12.41 15.10
CA PRO B 186 -12.17 -12.59 14.31
C PRO B 186 -13.02 -13.74 14.86
N SER B 187 -14.25 -13.82 14.33
CA SER B 187 -15.12 -14.92 14.72
C SER B 187 -14.62 -16.25 14.17
N LYS B 188 -14.09 -16.24 12.94
CA LYS B 188 -13.55 -17.45 12.35
C LYS B 188 -12.60 -17.10 11.21
N VAL B 189 -11.72 -18.05 10.92
CA VAL B 189 -10.76 -17.96 9.83
C VAL B 189 -10.97 -19.15 8.91
N ILE B 190 -11.16 -18.87 7.62
CA ILE B 190 -11.54 -19.87 6.63
C ILE B 190 -10.44 -19.97 5.59
N PHE B 191 -9.87 -21.15 5.43
CA PHE B 191 -8.83 -21.42 4.45
C PHE B 191 -9.45 -22.13 3.25
N LEU B 192 -9.42 -21.45 2.10
CA LEU B 192 -9.84 -22.04 0.83
C LEU B 192 -8.64 -22.75 0.21
N MET B 193 -8.67 -24.07 0.20
CA MET B 193 -7.57 -24.88 -0.33
C MET B 193 -7.99 -25.57 -1.62
N ASP B 194 -7.05 -26.28 -2.22
CA ASP B 194 -7.32 -27.05 -3.43
C ASP B 194 -8.03 -28.37 -3.14
N VAL B 195 -8.06 -28.81 -1.88
CA VAL B 195 -8.65 -30.09 -1.52
C VAL B 195 -9.73 -29.83 -0.46
N ASP B 196 -10.51 -30.88 -0.16
CA ASP B 196 -11.67 -30.73 0.69
C ASP B 196 -11.31 -30.36 2.13
N GLY B 197 -10.07 -30.56 2.55
CA GLY B 197 -9.66 -30.18 3.87
C GLY B 197 -8.50 -31.03 4.34
N ILE B 198 -8.27 -31.02 5.65
CA ILE B 198 -7.18 -31.78 6.24
C ILE B 198 -7.50 -33.27 6.16
N TYR B 199 -6.56 -34.05 5.60
CA TYR B 199 -6.74 -35.48 5.40
C TYR B 199 -5.80 -36.26 6.31
N ASP B 200 -6.08 -37.56 6.41
CA ASP B 200 -5.20 -38.44 7.17
C ASP B 200 -3.89 -38.68 6.43
N ARG B 201 -3.97 -39.29 5.26
CA ARG B 201 -2.82 -39.46 4.40
C ARG B 201 -2.68 -38.26 3.46
N ASN B 202 -1.68 -38.32 2.58
CA ASN B 202 -1.56 -37.33 1.53
C ASN B 202 -2.78 -37.43 0.60
N PRO B 203 -3.45 -36.33 0.29
CA PRO B 203 -4.55 -36.40 -0.70
C PRO B 203 -4.16 -37.10 -1.99
N LYS B 204 -2.90 -37.00 -2.42
CA LYS B 204 -2.48 -37.72 -3.62
C LYS B 204 -2.41 -39.21 -3.37
N GLU B 205 -1.98 -39.62 -2.18
CA GLU B 205 -1.99 -41.03 -1.78
C GLU B 205 -3.42 -41.41 -1.41
N ARG B 206 -4.08 -42.16 -2.28
CA ARG B 206 -5.48 -42.51 -2.07
C ARG B 206 -5.67 -43.33 -0.80
N ASP B 207 -6.93 -43.65 -0.48
CA ASP B 207 -7.34 -44.34 0.75
C ASP B 207 -7.20 -43.47 1.99
N ALA B 208 -7.13 -42.15 1.81
CA ALA B 208 -7.12 -41.24 2.95
C ALA B 208 -8.54 -40.96 3.41
N LYS B 209 -8.65 -40.36 4.60
CA LYS B 209 -9.94 -40.04 5.19
C LYS B 209 -9.96 -38.60 5.67
N LEU B 210 -11.13 -37.98 5.60
CA LEU B 210 -11.31 -36.59 5.97
C LEU B 210 -11.63 -36.48 7.46
N ILE B 211 -10.98 -35.54 8.13
CA ILE B 211 -11.21 -35.25 9.54
C ILE B 211 -12.14 -34.05 9.61
N GLU B 212 -13.42 -34.29 9.88
CA GLU B 212 -14.38 -33.21 9.97
C GLU B 212 -14.25 -32.43 11.28
N GLU B 213 -13.75 -33.07 12.33
CA GLU B 213 -13.58 -32.44 13.64
C GLU B 213 -12.10 -32.54 14.02
N LEU B 214 -11.39 -31.42 13.91
CA LEU B 214 -9.98 -31.36 14.22
C LEU B 214 -9.75 -30.73 15.59
N ASN B 215 -8.80 -31.28 16.33
CA ASN B 215 -8.40 -30.74 17.62
C ASN B 215 -6.89 -30.85 17.76
N VAL B 216 -6.36 -30.40 18.89
CA VAL B 216 -4.92 -30.24 19.06
C VAL B 216 -4.20 -31.58 18.90
N GLU B 217 -4.75 -32.65 19.48
CA GLU B 217 -4.05 -33.93 19.48
C GLU B 217 -3.84 -34.46 18.06
N GLU B 218 -4.79 -34.21 17.15
CA GLU B 218 -4.62 -34.65 15.78
C GLU B 218 -3.61 -33.78 15.04
N ILE B 219 -3.73 -32.46 15.18
CA ILE B 219 -2.77 -31.55 14.54
C ILE B 219 -1.36 -31.83 15.05
N ARG B 220 -1.23 -32.26 16.31
CA ARG B 220 0.07 -32.62 16.87
C ARG B 220 0.44 -34.03 16.42
N HIS B 221 0.65 -34.16 15.11
CA HIS B 221 1.11 -35.40 14.50
C HIS B 221 2.29 -35.21 13.56
N LEU B 222 2.80 -33.99 13.43
CA LEU B 222 3.80 -33.68 12.41
C LEU B 222 5.02 -34.58 12.55
N LEU B 223 5.32 -35.33 11.49
CA LEU B 223 6.43 -36.28 11.49
C LEU B 223 7.75 -35.56 11.28
N ILE B 237 1.88 -27.42 4.02
CA ILE B 237 0.70 -27.83 4.78
C ILE B 237 1.01 -27.80 6.27
N GLY B 238 2.23 -28.22 6.64
CA GLY B 238 2.61 -28.24 8.04
C GLY B 238 2.58 -26.86 8.67
N ASN B 239 3.14 -25.87 7.97
CA ASN B 239 3.12 -24.50 8.49
C ASN B 239 1.69 -24.00 8.67
N LYS B 240 0.80 -24.37 7.76
CA LYS B 240 -0.61 -24.01 7.92
C LYS B 240 -1.19 -24.65 9.17
N LEU B 241 -0.76 -25.89 9.49
CA LEU B 241 -1.26 -26.55 10.70
C LEU B 241 -0.73 -25.87 11.96
N ARG B 242 0.54 -25.46 11.96
CA ARG B 242 1.07 -24.74 13.11
C ARG B 242 0.37 -23.40 13.29
N GLU B 243 0.14 -22.68 12.19
CA GLU B 243 -0.58 -21.41 12.27
C GLU B 243 -2.02 -21.62 12.72
N ALA B 244 -2.64 -22.73 12.33
CA ALA B 244 -3.99 -23.02 12.79
C ALA B 244 -4.01 -23.35 14.27
N LEU B 245 -2.99 -24.06 14.76
CA LEU B 245 -2.88 -24.32 16.19
C LEU B 245 -2.71 -23.01 16.96
N LYS B 246 -1.95 -22.06 16.40
CA LYS B 246 -1.81 -20.76 17.06
C LYS B 246 -3.09 -19.94 16.98
N ILE B 247 -3.84 -20.08 15.88
CA ILE B 247 -5.03 -19.26 15.66
C ILE B 247 -6.22 -19.76 16.46
N ALA B 248 -6.33 -21.09 16.66
CA ALA B 248 -7.46 -21.66 17.37
C ALA B 248 -7.57 -21.14 18.80
N LYS B 249 -6.52 -20.52 19.32
CA LYS B 249 -6.64 -19.86 20.63
C LYS B 249 -7.63 -18.72 20.58
N HIS B 250 -7.75 -18.05 19.43
CA HIS B 250 -8.57 -16.86 19.30
C HIS B 250 -9.84 -17.05 18.49
N SER B 251 -9.82 -17.89 17.47
CA SER B 251 -10.96 -18.03 16.57
C SER B 251 -11.12 -19.48 16.12
N GLU B 252 -12.31 -19.78 15.63
CA GLU B 252 -12.56 -21.06 14.96
C GLU B 252 -11.84 -21.08 13.62
N VAL B 253 -11.49 -22.29 13.16
CA VAL B 253 -10.76 -22.48 11.93
C VAL B 253 -11.55 -23.43 11.03
N TYR B 254 -11.62 -23.09 9.74
CA TYR B 254 -12.21 -23.94 8.73
C TYR B 254 -11.21 -24.19 7.63
N PHE B 255 -11.16 -25.43 7.14
CA PHE B 255 -10.38 -25.79 5.96
C PHE B 255 -11.37 -26.38 4.95
N ILE B 256 -11.65 -25.63 3.88
CA ILE B 256 -12.64 -26.05 2.90
C ILE B 256 -12.07 -25.94 1.51
N ASN B 257 -12.65 -26.73 0.59
CA ASN B 257 -12.27 -26.70 -0.82
C ASN B 257 -12.88 -25.46 -1.46
N GLY B 258 -12.02 -24.54 -1.89
CA GLY B 258 -12.50 -23.33 -2.54
C GLY B 258 -13.03 -23.54 -3.95
N LYS B 259 -12.80 -24.72 -4.54
CA LYS B 259 -13.28 -24.98 -5.89
C LYS B 259 -14.80 -25.09 -5.92
N VAL B 260 -15.41 -25.62 -4.86
CA VAL B 260 -16.86 -25.66 -4.73
C VAL B 260 -17.31 -24.33 -4.15
N LYS B 261 -18.21 -23.64 -4.86
CA LYS B 261 -18.63 -22.31 -4.47
C LYS B 261 -19.33 -22.31 -3.11
N GLU B 262 -20.48 -23.00 -3.03
CA GLU B 262 -21.31 -22.97 -1.84
C GLU B 262 -20.52 -23.25 -0.56
N ASN B 263 -19.45 -24.05 -0.67
CA ASN B 263 -18.58 -24.35 0.47
C ASN B 263 -18.32 -23.11 1.32
N LEU B 264 -17.87 -22.03 0.68
CA LEU B 264 -17.54 -20.81 1.43
C LEU B 264 -18.70 -20.41 2.33
N GLY B 265 -19.88 -20.22 1.74
CA GLY B 265 -21.04 -19.84 2.53
C GLY B 265 -21.27 -20.75 3.71
N LYS B 266 -21.16 -22.06 3.50
CA LYS B 266 -21.34 -23.02 4.58
C LYS B 266 -20.42 -22.67 5.75
N ALA B 267 -19.13 -22.50 5.47
CA ALA B 267 -18.18 -22.19 6.53
C ALA B 267 -18.52 -20.88 7.22
N ILE B 268 -19.08 -19.92 6.48
CA ILE B 268 -19.46 -18.66 7.11
C ILE B 268 -20.71 -18.85 7.96
N ARG B 269 -21.62 -19.74 7.53
CA ARG B 269 -22.86 -19.93 8.28
C ARG B 269 -22.68 -20.87 9.46
N GLY B 270 -21.59 -21.63 9.51
CA GLY B 270 -21.36 -22.57 10.59
C GLY B 270 -21.80 -23.99 10.30
N GLU B 271 -22.32 -24.27 9.12
CA GLU B 271 -22.75 -25.62 8.77
C GLU B 271 -21.55 -26.55 8.66
N LYS B 272 -21.83 -27.85 8.64
CA LYS B 272 -20.79 -28.85 8.51
C LYS B 272 -20.20 -28.81 7.10
N VAL B 273 -18.89 -28.63 7.01
CA VAL B 273 -18.20 -28.56 5.73
C VAL B 273 -16.70 -28.68 5.95
N GLY B 274 -16.05 -29.54 5.17
CA GLY B 274 -14.60 -29.66 5.24
C GLY B 274 -14.12 -30.06 6.61
N THR B 275 -13.03 -29.43 7.04
CA THR B 275 -12.43 -29.68 8.34
C THR B 275 -12.67 -28.48 9.24
N ARG B 276 -13.14 -28.72 10.46
CA ARG B 276 -13.42 -27.66 11.41
C ARG B 276 -12.62 -27.87 12.68
N LEU B 277 -11.92 -26.82 13.13
CA LEU B 277 -11.14 -26.82 14.35
C LEU B 277 -11.71 -25.73 15.25
N ARG B 278 -12.42 -26.13 16.30
CA ARG B 278 -13.11 -25.16 17.15
C ARG B 278 -12.10 -24.32 17.93
N LYS B 279 -12.62 -23.26 18.56
CA LYS B 279 -11.81 -22.46 19.46
C LYS B 279 -11.37 -23.31 20.64
N LEU B 280 -10.11 -23.14 21.04
CA LEU B 280 -9.54 -23.96 22.10
C LEU B 280 -10.12 -23.58 23.46
N GLU B 281 -9.99 -24.51 24.40
CA GLU B 281 -10.50 -24.29 25.75
C GLU B 281 -9.45 -24.68 26.79
PB ADP C . -0.36 19.59 -8.13
O1B ADP C . -1.85 19.43 -8.33
O2B ADP C . 0.04 19.96 -6.73
O3B ADP C . 0.47 18.48 -8.74
PA ADP C . -0.24 22.37 -8.43
O1A ADP C . -1.69 22.47 -8.03
O2A ADP C . 0.83 22.66 -7.41
O3A ADP C . 0.02 20.89 -9.01
O5' ADP C . 0.01 23.31 -9.70
C5' ADP C . 0.24 24.71 -9.51
C4' ADP C . -0.14 25.49 -10.76
O4' ADP C . -0.57 26.80 -10.39
C3' ADP C . 1.04 25.66 -11.70
O3' ADP C . 0.88 24.82 -12.85
C2' ADP C . 1.02 27.12 -12.12
O2' ADP C . 0.79 27.23 -13.52
C1' ADP C . -0.11 27.76 -11.34
N9 ADP C . 0.29 29.00 -10.62
C8 ADP C . -0.57 29.98 -10.27
N7 ADP C . 0.05 31.00 -9.63
C5 ADP C . 1.35 30.69 -9.56
C6 ADP C . 2.56 31.35 -9.01
N6 ADP C . 2.48 32.56 -8.40
N1 ADP C . 3.74 30.72 -9.14
C2 ADP C . 3.83 29.51 -9.75
N3 ADP C . 2.78 28.87 -10.26
C4 ADP C . 1.53 29.39 -10.21
C5 U4R D . -3.91 13.06 -5.40
C6 U4R D . -4.54 11.74 -5.86
C7 U4R D . -5.80 11.55 -6.20
C8 U4R D . -6.43 10.25 -6.66
O1 U4R D . -1.10 14.90 -5.38
O2 U4R D . -2.90 16.57 -6.14
O3 U4R D . -1.81 15.97 -7.49
O4 U4R D . -3.50 14.00 -6.35
P1 U4R D . -2.34 15.15 -6.10
PB ADP E . -0.72 -22.21 0.51
O1B ADP E . 0.21 -22.02 -0.67
O2B ADP E . -0.02 -22.26 1.84
O3B ADP E . -1.94 -21.33 0.48
PA ADP E . -0.31 -24.97 0.39
O1A ADP E . 0.61 -24.93 -0.80
O2A ADP E . 0.25 -25.04 1.79
O3A ADP E . -1.30 -23.70 0.31
O5' ADP E . -1.31 -26.23 0.20
C5' ADP E . -1.14 -27.39 1.02
C4' ADP E . -0.96 -28.63 0.16
O4' ADP E . -0.48 -29.71 0.96
C3' ADP E . -2.26 -29.09 -0.47
O3' ADP E . -2.22 -28.85 -1.89
C2' ADP E . -2.35 -30.58 -0.20
O2' ADP E . -2.40 -31.30 -1.43
C1' ADP E . -1.08 -30.94 0.56
N9 ADP E . -1.33 -31.80 1.76
C8 ADP E . -0.37 -32.55 2.34
N7 ADP E . -0.84 -33.24 3.40
C5 ADP E . -2.14 -32.94 3.53
C6 ADP E . -3.24 -33.33 4.45
N6 ADP E . -3.01 -34.19 5.47
N1 ADP E . -4.46 -32.79 4.25
C2 ADP E . -4.69 -31.93 3.25
N3 ADP E . -3.74 -31.53 2.37
C4 ADP E . -2.47 -31.99 2.44
C5 U4R F . 3.90 -15.85 -0.56
C6 U4R F . 4.54 -14.56 -1.08
C7 U4R F . 4.78 -14.25 -2.35
C8 U4R F . 5.41 -12.98 -2.87
O1 U4R F . 0.43 -16.91 0.87
O2 U4R F . 2.53 -18.37 0.59
O3 U4R F . 1.27 -18.58 -0.74
O4 U4R F . 2.52 -16.03 -0.68
P1 U4R F . 1.65 -17.19 0.16
#